data_6BC0
#
_entry.id   6BC0
#
_cell.length_a   73.160
_cell.length_b   73.160
_cell.length_c   266.270
_cell.angle_alpha   90.00
_cell.angle_beta   90.00
_cell.angle_gamma   120.00
#
_symmetry.space_group_name_H-M   'P 65 2 2'
#
loop_
_entity.id
_entity.type
_entity.pdbx_description
1 polymer 'Rho guanine nucleotide exchange factor 28'
2 polymer 'Transforming protein RhoA'
3 non-polymer 'MAGNESIUM ION'
4 non-polymer "5'-GUANOSINE-DIPHOSPHATE-MONOTHIOPHOSPHATE"
5 water water
#
loop_
_entity_poly.entity_id
_entity_poly.type
_entity_poly.pdbx_seq_one_letter_code
_entity_poly.pdbx_strand_id
1 'polypeptide(L)'
;GILDEKNQKWLEILNKIENKTYTKLKNGHVFRKQALMSEERTLLYDGLVYWKTATGRFKDILALLLTDVLLFLQEKDQKY
IFAAVDQKPSVISLQKLIAREVANEERGMFLISASSAGPEMYEIHTNSKEERNNWMRRIQQAVESCPEEK
;
A
2 'polypeptide(L)'
;GILDMAAIRKKLVIVGDGACGKTCLLIVFSKDQFPEVYVPTVFENYVADIEVDGKQVELALWDTAGQEDYDRLRPLSYPD
TDVILMCFSIDSPDSLENIPEKWTPEVKHFCPNVPIILVGNKKDLRNDEHTRRELAKMKQEPVKPEEGRDMANRIGAFGY
MECSAKTKDGVREVFEMATRAALQA
;
F
#
# COMPACT_ATOMS: atom_id res chain seq x y z
N ASN A 7 -25.91 20.85 -10.60
CA ASN A 7 -26.85 20.41 -11.64
C ASN A 7 -26.75 21.16 -12.97
N GLN A 8 -26.77 22.49 -12.95
CA GLN A 8 -26.49 23.25 -14.17
C GLN A 8 -25.12 22.88 -14.72
N LYS A 9 -24.07 23.12 -13.92
CA LYS A 9 -22.72 22.68 -14.29
C LYS A 9 -22.76 21.26 -14.82
N TRP A 10 -23.55 20.38 -14.19
CA TRP A 10 -23.60 18.99 -14.62
C TRP A 10 -24.19 18.81 -16.01
N LEU A 11 -25.19 19.64 -16.37
CA LEU A 11 -25.79 19.56 -17.69
C LEU A 11 -24.75 19.85 -18.76
N GLU A 12 -23.92 20.89 -18.54
CA GLU A 12 -22.95 21.33 -19.55
C GLU A 12 -21.80 20.35 -19.70
N ILE A 13 -21.17 19.96 -18.59
CA ILE A 13 -20.19 18.87 -18.58
C ILE A 13 -20.70 17.75 -19.46
N LEU A 14 -21.92 17.26 -19.17
CA LEU A 14 -22.54 16.18 -19.92
C LEU A 14 -22.62 16.45 -21.43
N ASN A 15 -23.13 17.61 -21.85
CA ASN A 15 -23.21 17.81 -23.30
C ASN A 15 -21.82 18.05 -23.91
N LYS A 16 -20.83 18.43 -23.09
CA LYS A 16 -19.44 18.51 -23.56
C LYS A 16 -18.79 17.13 -23.76
N ILE A 17 -19.30 16.09 -23.11
CA ILE A 17 -18.73 14.75 -23.26
C ILE A 17 -18.97 14.21 -24.66
N GLU A 18 -17.88 13.84 -25.35
CA GLU A 18 -17.95 13.26 -26.69
C GLU A 18 -18.88 12.07 -26.70
N ASN A 19 -19.60 11.89 -27.81
CA ASN A 19 -20.77 11.02 -27.76
C ASN A 19 -20.47 9.53 -27.89
N LYS A 20 -19.40 9.14 -28.60
CA LYS A 20 -19.11 7.72 -28.79
C LYS A 20 -18.11 7.16 -27.77
N THR A 21 -18.02 7.77 -26.58
CA THR A 21 -16.93 7.54 -25.64
C THR A 21 -17.36 6.57 -24.53
N TYR A 22 -16.43 5.69 -24.14
CA TYR A 22 -16.69 4.58 -23.23
C TYR A 22 -15.38 4.20 -22.53
N THR A 23 -15.48 3.42 -21.45
CA THR A 23 -14.32 2.87 -20.78
C THR A 23 -14.57 1.40 -20.46
N LYS A 24 -13.58 0.55 -20.75
CA LYS A 24 -13.68 -0.89 -20.48
C LYS A 24 -13.44 -1.16 -18.99
N LEU A 25 -14.29 -1.98 -18.38
CA LEU A 25 -14.12 -2.37 -16.98
C LEU A 25 -13.37 -3.69 -16.88
N LYS A 26 -12.76 -3.93 -15.71
CA LYS A 26 -11.94 -5.12 -15.57
C LYS A 26 -12.76 -6.39 -15.73
N ASN A 27 -14.05 -6.35 -15.43
CA ASN A 27 -14.89 -7.53 -15.63
C ASN A 27 -15.44 -7.66 -17.08
N GLY A 28 -14.99 -6.84 -18.04
CA GLY A 28 -15.37 -6.99 -19.44
C GLY A 28 -16.60 -6.24 -19.85
N HIS A 29 -17.31 -5.70 -18.87
CA HIS A 29 -18.39 -4.79 -19.20
C HIS A 29 -17.79 -3.48 -19.76
N VAL A 30 -18.69 -2.58 -20.13
CA VAL A 30 -18.31 -1.27 -20.64
C VAL A 30 -19.09 -0.23 -19.85
N PHE A 31 -18.58 0.98 -19.89
CA PHE A 31 -19.24 2.12 -19.29
C PHE A 31 -19.23 3.27 -20.30
N ARG A 32 -20.41 3.76 -20.65
CA ARG A 32 -20.59 4.77 -21.68
C ARG A 32 -21.36 5.96 -21.10
N LYS A 33 -21.25 7.11 -21.78
CA LYS A 33 -21.93 8.33 -21.37
C LYS A 33 -23.41 8.12 -21.02
N GLN A 34 -24.04 7.12 -21.65
CA GLN A 34 -25.47 6.86 -21.47
C GLN A 34 -25.83 6.57 -20.01
N ALA A 35 -24.95 5.88 -19.29
CA ALA A 35 -25.15 5.63 -17.87
C ALA A 35 -25.16 6.92 -17.05
N LEU A 36 -24.68 8.02 -17.61
CA LEU A 36 -24.75 9.30 -16.93
C LEU A 36 -26.10 9.99 -17.12
N MET A 37 -26.95 9.49 -18.02
CA MET A 37 -28.31 10.02 -18.18
C MET A 37 -29.22 9.63 -17.02
N SER A 38 -28.96 8.48 -16.39
CA SER A 38 -29.77 7.96 -15.29
C SER A 38 -29.79 8.86 -14.05
N THR A 42 -26.30 11.93 -10.59
CA THR A 42 -26.13 13.38 -10.39
C THR A 42 -24.73 13.77 -9.91
N LEU A 43 -24.39 15.05 -9.89
CA LEU A 43 -23.02 15.49 -9.67
C LEU A 43 -22.83 16.16 -8.31
N LEU A 44 -22.00 15.53 -7.44
CA LEU A 44 -21.73 16.07 -6.11
C LEU A 44 -20.59 17.09 -6.14
N TYR A 45 -19.51 16.77 -6.81
CA TYR A 45 -18.51 17.81 -6.98
C TYR A 45 -17.53 17.36 -8.03
N ASP A 46 -16.90 18.36 -8.64
CA ASP A 46 -16.00 18.18 -9.74
C ASP A 46 -14.75 19.00 -9.47
N GLY A 47 -13.65 18.56 -10.05
CA GLY A 47 -12.41 19.28 -9.88
C GLY A 47 -11.26 18.83 -10.76
N LEU A 48 -10.32 19.75 -11.03
CA LEU A 48 -9.17 19.46 -11.87
C LEU A 48 -8.10 18.88 -10.98
N VAL A 49 -7.53 17.75 -11.40
CA VAL A 49 -6.45 17.07 -10.69
C VAL A 49 -5.45 16.54 -11.71
N TYR A 50 -4.38 15.95 -11.21
CA TYR A 50 -3.36 15.32 -12.02
C TYR A 50 -3.26 13.87 -11.57
N TRP A 51 -3.24 12.97 -12.55
CA TRP A 51 -3.18 11.53 -12.36
C TRP A 51 -1.76 11.05 -12.67
N LYS A 52 -1.11 10.50 -11.67
CA LYS A 52 0.25 10.03 -11.84
C LYS A 52 0.24 8.64 -12.44
N THR A 53 0.87 8.49 -13.59
CA THR A 53 0.89 7.21 -14.26
C THR A 53 1.92 6.30 -13.59
N ALA A 54 1.95 5.03 -14.01
CA ALA A 54 2.98 4.12 -13.51
C ALA A 54 4.41 4.61 -13.83
N THR A 55 4.59 5.37 -14.91
CA THR A 55 5.96 5.78 -15.23
C THR A 55 6.34 7.09 -14.57
N GLY A 56 5.49 7.63 -13.73
CA GLY A 56 5.74 8.92 -13.10
C GLY A 56 5.32 10.13 -13.92
N ARG A 57 4.55 9.92 -14.98
CA ARG A 57 4.07 11.07 -15.75
C ARG A 57 2.75 11.53 -15.15
N PHE A 58 2.37 12.78 -15.42
CA PHE A 58 1.11 13.34 -14.91
C PHE A 58 0.17 13.65 -16.04
N LYS A 59 -1.07 13.23 -15.88
CA LYS A 59 -2.11 13.41 -16.86
C LYS A 59 -3.08 14.42 -16.29
N ASP A 60 -3.42 15.44 -17.08
CA ASP A 60 -4.42 16.43 -16.70
C ASP A 60 -5.80 15.82 -16.83
N ILE A 61 -6.60 15.96 -15.79
CA ILE A 61 -7.83 15.18 -15.66
C ILE A 61 -8.92 16.03 -15.03
N LEU A 62 -10.13 15.98 -15.58
CA LEU A 62 -11.32 16.43 -14.87
C LEU A 62 -11.89 15.25 -14.09
N ALA A 63 -11.83 15.33 -12.76
CA ALA A 63 -12.37 14.31 -11.87
C ALA A 63 -13.75 14.71 -11.40
N LEU A 64 -14.72 13.81 -11.56
CA LEU A 64 -16.09 14.06 -11.19
C LEU A 64 -16.50 13.03 -10.15
N LEU A 65 -16.95 13.51 -9.00
CA LEU A 65 -17.50 12.65 -7.96
C LEU A 65 -19.01 12.69 -8.10
N LEU A 66 -19.61 11.52 -8.34
CA LEU A 66 -21.05 11.39 -8.52
C LEU A 66 -21.75 10.46 -7.53
N VAL A 69 -20.24 6.93 -8.13
CA VAL A 69 -18.92 6.54 -8.62
C VAL A 69 -17.93 7.71 -8.84
N LEU A 70 -16.67 7.41 -9.18
CA LEU A 70 -15.69 8.42 -9.59
C LEU A 70 -15.46 8.28 -11.09
N LEU A 71 -15.43 9.41 -11.78
CA LEU A 71 -15.23 9.44 -13.22
C LEU A 71 -14.09 10.39 -13.58
N PHE A 72 -13.16 9.89 -14.42
CA PHE A 72 -12.00 10.65 -14.89
C PHE A 72 -12.15 10.97 -16.37
N LEU A 73 -12.10 12.27 -16.72
CA LEU A 73 -12.22 12.75 -18.09
C LEU A 73 -10.92 13.37 -18.58
N GLN A 74 -10.59 13.11 -19.83
CA GLN A 74 -9.55 13.88 -20.51
C GLN A 74 -10.17 14.79 -21.54
N GLU A 75 -9.48 15.89 -21.83
CA GLU A 75 -9.92 16.86 -22.81
C GLU A 75 -9.46 16.46 -24.20
N LYS A 76 -10.37 16.70 -25.15
CA LYS A 76 -10.23 16.60 -26.60
C LYS A 76 -10.76 17.92 -27.18
N ASP A 77 -9.95 18.98 -27.11
CA ASP A 77 -10.32 20.37 -27.42
C ASP A 77 -11.44 20.79 -26.47
N GLN A 78 -12.63 21.13 -26.97
CA GLN A 78 -13.75 21.57 -26.15
C GLN A 78 -14.64 20.40 -25.77
N LYS A 79 -14.24 19.19 -26.14
CA LYS A 79 -14.94 17.96 -25.81
C LYS A 79 -14.24 17.28 -24.64
N TYR A 80 -14.98 16.42 -23.94
CA TYR A 80 -14.43 15.53 -22.93
C TYR A 80 -14.58 14.11 -23.43
N ILE A 81 -13.58 13.29 -23.14
CA ILE A 81 -13.68 11.86 -23.33
C ILE A 81 -13.40 11.20 -21.98
N PHE A 82 -13.95 10.01 -21.79
CA PHE A 82 -13.55 9.18 -20.67
C PHE A 82 -12.04 8.94 -20.77
N ALA A 83 -11.32 9.17 -19.68
CA ALA A 83 -9.88 9.02 -19.70
C ALA A 83 -9.48 7.64 -20.20
N ALA A 84 -8.38 7.61 -20.95
CA ALA A 84 -7.79 6.37 -21.48
C ALA A 84 -6.33 6.41 -21.07
N VAL A 85 -6.06 5.99 -19.85
CA VAL A 85 -4.73 6.10 -19.27
C VAL A 85 -4.26 4.72 -18.91
N ASP A 86 -3.25 4.24 -19.63
CA ASP A 86 -2.55 2.97 -19.38
C ASP A 86 -3.54 1.81 -19.29
N GLN A 87 -4.45 1.74 -20.24
CA GLN A 87 -5.37 0.61 -20.31
C GLN A 87 -6.21 0.49 -19.05
N LYS A 88 -6.30 1.53 -18.20
CA LYS A 88 -7.07 1.38 -16.99
C LYS A 88 -8.47 1.93 -17.14
N PRO A 89 -9.42 1.41 -16.34
CA PRO A 89 -10.80 1.97 -16.37
C PRO A 89 -10.77 3.40 -15.88
N SER A 90 -11.61 4.25 -16.48
CA SER A 90 -11.65 5.66 -16.06
C SER A 90 -12.85 5.92 -15.17
N VAL A 91 -13.51 4.87 -14.72
CA VAL A 91 -14.60 5.01 -13.77
C VAL A 91 -14.34 4.02 -12.63
N ILE A 92 -14.48 4.51 -11.40
CA ILE A 92 -14.32 3.67 -10.20
C ILE A 92 -15.66 3.59 -9.50
N SER A 93 -16.10 2.37 -9.21
CA SER A 93 -17.29 2.18 -8.40
C SER A 93 -17.01 2.61 -6.98
N LEU A 94 -17.88 3.44 -6.41
CA LEU A 94 -17.65 3.89 -5.04
C LEU A 94 -17.76 2.79 -4.01
N GLN A 95 -18.49 1.71 -4.30
CA GLN A 95 -18.60 0.64 -3.32
C GLN A 95 -17.32 -0.17 -3.25
N LYS A 96 -16.56 -0.19 -4.35
CA LYS A 96 -15.30 -0.92 -4.41
C LYS A 96 -14.10 -0.02 -4.13
N LEU A 97 -14.35 1.20 -3.63
CA LEU A 97 -13.30 2.21 -3.47
C LEU A 97 -12.65 2.17 -2.09
N ILE A 98 -11.32 2.14 -2.09
CA ILE A 98 -10.49 2.40 -0.93
C ILE A 98 -9.74 3.70 -1.19
N ALA A 99 -9.80 4.64 -0.25
CA ALA A 99 -9.18 5.95 -0.44
C ALA A 99 -8.26 6.28 0.73
N ARG A 100 -7.09 6.85 0.43
CA ARG A 100 -6.07 7.11 1.43
C ARG A 100 -5.22 8.31 1.07
N GLU A 101 -4.69 8.96 2.11
CA GLU A 101 -3.73 10.03 1.93
C GLU A 101 -2.38 9.47 1.44
N VAL A 102 -1.69 10.19 0.55
CA VAL A 102 -0.31 9.81 0.22
C VAL A 102 0.57 10.41 1.32
N ALA A 103 1.13 9.55 2.18
CA ALA A 103 1.88 10.09 3.32
C ALA A 103 3.03 10.96 2.86
N ASN A 104 3.54 10.68 1.66
CA ASN A 104 4.68 11.34 1.04
C ASN A 104 4.36 12.72 0.51
N GLU A 105 3.09 13.00 0.29
CA GLU A 105 2.72 14.07 -0.62
C GLU A 105 1.46 14.69 -0.06
N GLU A 106 1.61 15.83 0.59
CA GLU A 106 0.45 16.46 1.22
C GLU A 106 -0.65 16.81 0.20
N ARG A 107 -0.38 16.79 -1.11
CA ARG A 107 -1.39 17.04 -2.14
C ARG A 107 -2.01 15.77 -2.74
N GLY A 108 -1.55 14.60 -2.32
CA GLY A 108 -1.86 13.37 -3.03
C GLY A 108 -2.81 12.49 -2.28
N MET A 109 -3.59 11.73 -3.02
CA MET A 109 -4.36 10.66 -2.43
C MET A 109 -4.21 9.43 -3.31
N PHE A 110 -4.27 8.27 -2.66
CA PHE A 110 -4.35 6.98 -3.35
C PHE A 110 -5.82 6.54 -3.40
N LEU A 111 -6.29 6.16 -4.58
CA LEU A 111 -7.65 5.71 -4.83
C LEU A 111 -7.58 4.31 -5.43
N ILE A 112 -8.04 3.31 -4.70
CA ILE A 112 -7.92 1.92 -5.14
C ILE A 112 -9.28 1.38 -5.52
N SER A 113 -9.38 0.86 -6.74
CA SER A 113 -10.48 -0.02 -7.10
C SER A 113 -10.07 -1.44 -6.71
N ALA A 114 -10.73 -1.97 -5.70
CA ALA A 114 -10.41 -3.30 -5.23
C ALA A 114 -11.14 -4.40 -6.02
N SER A 115 -11.56 -4.12 -7.25
CA SER A 115 -12.37 -5.07 -8.00
C SER A 115 -11.72 -6.45 -8.06
N SER A 116 -12.51 -7.48 -7.76
CA SER A 116 -12.08 -8.88 -7.91
C SER A 116 -11.76 -9.26 -9.37
N ALA A 117 -12.29 -8.53 -10.35
CA ALA A 117 -11.86 -8.74 -11.72
C ALA A 117 -10.43 -8.24 -11.94
N GLY A 118 -9.89 -7.46 -11.01
CA GLY A 118 -8.50 -7.04 -11.07
C GLY A 118 -8.34 -5.68 -10.48
N PRO A 119 -7.84 -5.59 -9.26
CA PRO A 119 -7.74 -4.27 -8.61
C PRO A 119 -6.89 -3.30 -9.41
N GLU A 120 -7.14 -2.02 -9.20
CA GLU A 120 -6.39 -0.94 -9.85
C GLU A 120 -6.08 0.17 -8.85
N MET A 121 -4.88 0.75 -8.96
CA MET A 121 -4.50 1.91 -8.17
C MET A 121 -4.63 3.17 -9.03
N TYR A 122 -5.10 4.25 -8.41
CA TYR A 122 -5.06 5.56 -9.03
C TYR A 122 -4.47 6.53 -8.02
N GLU A 123 -3.30 7.07 -8.31
CA GLU A 123 -2.68 8.06 -7.45
C GLU A 123 -3.01 9.44 -8.04
N ILE A 124 -3.77 10.26 -7.29
CA ILE A 124 -4.29 11.56 -7.75
C ILE A 124 -3.68 12.68 -6.91
N HIS A 125 -3.21 13.74 -7.56
CA HIS A 125 -2.62 14.90 -6.90
C HIS A 125 -3.49 16.13 -7.16
N THR A 126 -3.85 16.86 -6.11
CA THR A 126 -4.66 18.06 -6.26
C THR A 126 -3.73 19.27 -6.25
N ASN A 127 -4.29 20.47 -6.25
CA ASN A 127 -3.40 21.63 -6.26
C ASN A 127 -2.90 22.03 -4.87
N SER A 128 -3.44 21.47 -3.79
CA SER A 128 -3.14 21.99 -2.46
C SER A 128 -3.50 20.96 -1.40
N LYS A 129 -2.81 21.01 -0.28
CA LYS A 129 -3.22 20.19 0.86
C LYS A 129 -4.71 20.37 1.15
N GLU A 130 -5.19 21.63 1.14
CA GLU A 130 -6.58 21.88 1.49
C GLU A 130 -7.52 21.18 0.52
N GLU A 131 -7.19 21.26 -0.77
CA GLU A 131 -8.04 20.61 -1.75
C GLU A 131 -7.97 19.10 -1.64
N ARG A 132 -6.83 18.57 -1.25
CA ARG A 132 -6.77 17.12 -1.10
C ARG A 132 -7.67 16.67 0.04
N ASN A 133 -7.65 17.42 1.15
CA ASN A 133 -8.46 17.03 2.28
C ASN A 133 -9.90 17.32 1.98
N ASN A 134 -10.12 18.31 1.14
CA ASN A 134 -11.46 18.60 0.63
C ASN A 134 -12.00 17.42 -0.15
N TRP A 135 -11.18 16.85 -1.04
CA TRP A 135 -11.61 15.70 -1.82
C TRP A 135 -11.84 14.49 -0.93
N MET A 136 -10.94 14.25 0.03
CA MET A 136 -11.05 13.09 0.88
C MET A 136 -12.28 13.14 1.76
N ARG A 137 -12.62 14.32 2.31
CA ARG A 137 -13.86 14.44 3.08
C ARG A 137 -15.07 14.13 2.22
N ARG A 138 -15.19 14.79 1.07
CA ARG A 138 -16.36 14.56 0.21
C ARG A 138 -16.43 13.13 -0.30
N ILE A 139 -15.29 12.45 -0.44
CA ILE A 139 -15.31 11.09 -0.96
C ILE A 139 -15.77 10.10 0.10
N GLN A 140 -15.35 10.29 1.35
CA GLN A 140 -15.71 9.34 2.40
C GLN A 140 -17.22 9.22 2.52
N GLN A 141 -17.93 10.31 2.31
CA GLN A 141 -19.39 10.31 2.34
C GLN A 141 -19.90 9.77 1.01
N ALA A 142 -19.94 8.43 0.90
CA ALA A 142 -20.48 7.70 -0.24
C ALA A 142 -19.75 6.38 -0.39
N ALA B 7 17.56 14.78 1.29
CA ALA B 7 16.28 14.64 0.62
C ALA B 7 16.16 13.42 -0.36
N ILE B 8 16.71 12.27 0.00
CA ILE B 8 16.65 11.09 -0.86
C ILE B 8 15.39 10.32 -0.48
N ARG B 9 14.69 9.82 -1.48
CA ARG B 9 13.45 9.08 -1.25
C ARG B 9 13.61 7.60 -1.58
N LYS B 10 13.12 6.74 -0.69
CA LYS B 10 13.11 5.30 -0.90
C LYS B 10 11.78 4.76 -0.41
N LYS B 11 11.33 3.69 -1.02
CA LYS B 11 10.09 3.02 -0.65
C LYS B 11 10.35 1.65 -0.10
N LEU B 12 9.87 1.41 1.13
CA LEU B 12 9.92 0.14 1.85
C LEU B 12 8.49 -0.44 1.96
N VAL B 13 8.33 -1.74 1.67
CA VAL B 13 7.06 -2.46 1.75
C VAL B 13 7.23 -3.55 2.78
N ILE B 14 6.27 -3.68 3.68
CA ILE B 14 6.28 -4.71 4.73
C ILE B 14 5.21 -5.74 4.43
N VAL B 15 5.54 -7.03 4.59
CA VAL B 15 4.66 -8.16 4.29
C VAL B 15 4.93 -9.26 5.31
N GLY B 16 4.00 -10.20 5.39
CA GLY B 16 4.04 -11.24 6.41
C GLY B 16 2.65 -11.63 6.86
N ASP B 17 2.59 -12.73 7.60
CA ASP B 17 1.31 -13.26 8.06
C ASP B 17 0.52 -12.24 8.84
N GLY B 18 -0.79 -12.43 8.84
CA GLY B 18 -1.65 -11.58 9.65
C GLY B 18 -1.36 -11.73 11.12
N ALA B 19 -1.32 -10.59 11.82
CA ALA B 19 -1.10 -10.46 13.25
C ALA B 19 0.35 -10.72 13.66
N CYS B 20 1.26 -10.74 12.72
CA CYS B 20 2.66 -10.96 13.08
C CYS B 20 3.38 -9.66 13.49
N GLY B 21 2.72 -8.52 13.50
CA GLY B 21 3.30 -7.32 14.08
C GLY B 21 3.82 -6.24 13.11
N LYS B 22 3.42 -6.28 11.84
CA LYS B 22 3.96 -5.35 10.85
C LYS B 22 3.56 -3.91 11.14
N THR B 23 2.28 -3.68 11.40
CA THR B 23 1.81 -2.31 11.53
C THR B 23 2.38 -1.68 12.78
N CYS B 24 2.45 -2.48 13.84
CA CYS B 24 3.05 -2.04 15.09
C CYS B 24 4.50 -1.69 14.89
N LEU B 25 5.22 -2.48 14.09
CA LEU B 25 6.62 -2.14 13.83
C LEU B 25 6.75 -0.84 13.05
N LEU B 26 5.94 -0.67 12.00
CA LEU B 26 6.00 0.58 11.23
C LEU B 26 5.64 1.78 12.08
N ILE B 27 4.52 1.67 12.80
CA ILE B 27 4.02 2.78 13.60
C ILE B 27 4.98 3.10 14.73
N VAL B 28 5.39 2.10 15.50
CA VAL B 28 6.34 2.35 16.58
C VAL B 28 7.56 3.07 16.04
N PHE B 29 7.95 2.76 14.81
CA PHE B 29 9.15 3.37 14.24
C PHE B 29 8.87 4.76 13.69
N SER B 30 7.72 4.94 13.06
CA SER B 30 7.42 6.24 12.45
C SER B 30 6.87 7.23 13.47
N LYS B 31 6.25 6.77 14.56
CA LYS B 31 5.60 7.65 15.51
C LYS B 31 5.92 7.35 16.97
N ASP B 32 6.77 6.37 17.26
CA ASP B 32 7.09 5.99 18.64
C ASP B 32 5.85 5.60 19.44
N GLN B 33 4.68 5.64 18.82
CA GLN B 33 3.43 5.30 19.48
C GLN B 33 3.24 3.80 19.37
N PHE B 34 2.05 3.31 19.62
CA PHE B 34 1.90 1.86 19.61
C PHE B 34 0.41 1.60 19.42
N PRO B 35 0.02 0.94 18.34
CA PRO B 35 -1.42 0.75 18.05
C PRO B 35 -2.10 -0.02 19.19
N GLU B 36 -2.91 0.70 19.96
CA GLU B 36 -3.64 0.07 21.05
C GLU B 36 -4.86 -0.66 20.48
N VAL B 37 -5.75 0.06 19.79
CA VAL B 37 -6.88 -0.56 19.12
C VAL B 37 -6.37 -1.21 17.84
N TYR B 38 -6.47 -2.53 17.77
CA TYR B 38 -5.79 -3.31 16.74
C TYR B 38 -6.71 -3.45 15.54
N VAL B 39 -6.45 -2.66 14.50
CA VAL B 39 -7.24 -2.68 13.26
C VAL B 39 -6.49 -3.57 12.26
N PRO B 40 -7.03 -4.69 11.84
CA PRO B 40 -6.36 -5.40 10.74
C PRO B 40 -6.22 -4.47 9.56
N THR B 41 -5.17 -4.68 8.80
CA THR B 41 -4.84 -3.71 7.77
C THR B 41 -5.37 -4.14 6.40
N VAL B 42 -5.80 -3.16 5.63
CA VAL B 42 -6.18 -3.36 4.22
C VAL B 42 -5.21 -2.68 3.30
N PHE B 43 -5.03 -1.39 3.48
CA PHE B 43 -3.99 -0.68 2.78
C PHE B 43 -3.71 0.57 3.59
N GLU B 44 -2.44 0.84 3.87
CA GLU B 44 -2.04 2.10 4.49
C GLU B 44 -0.63 2.42 4.05
N ASN B 45 -0.27 3.69 4.22
CA ASN B 45 1.10 4.10 4.04
C ASN B 45 1.40 5.22 5.03
N TYR B 46 2.63 5.21 5.50
CA TYR B 46 3.13 6.18 6.44
C TYR B 46 4.43 6.67 5.87
N VAL B 47 5.09 7.54 6.62
CA VAL B 47 6.34 8.16 6.19
C VAL B 47 7.19 8.41 7.40
N ALA B 48 8.52 8.41 7.21
CA ALA B 48 9.48 8.69 8.27
C ALA B 48 10.78 9.15 7.64
N ASP B 49 11.54 9.93 8.41
CA ASP B 49 12.86 10.39 8.02
C ASP B 49 13.91 9.72 8.89
N ILE B 50 14.93 9.18 8.25
CA ILE B 50 15.97 8.39 8.90
C ILE B 50 17.33 8.91 8.44
N GLU B 51 18.27 8.98 9.37
CA GLU B 51 19.67 9.30 9.10
C GLU B 51 20.43 7.99 9.07
N VAL B 52 21.13 7.74 7.97
CA VAL B 52 22.03 6.58 7.89
C VAL B 52 23.35 6.97 7.23
N ASP B 53 24.47 6.68 7.90
CA ASP B 53 25.81 6.86 7.37
C ASP B 53 25.97 8.23 6.74
N GLY B 54 25.50 9.26 7.47
CA GLY B 54 25.57 10.63 7.02
C GLY B 54 24.40 11.09 6.17
N LYS B 55 23.77 10.17 5.46
CA LYS B 55 22.69 10.49 4.51
C LYS B 55 21.31 10.62 5.18
N GLN B 56 20.57 11.66 4.80
CA GLN B 56 19.16 11.80 5.16
C GLN B 56 18.31 11.12 4.10
N VAL B 57 17.42 10.22 4.54
CA VAL B 57 16.53 9.44 3.68
C VAL B 57 15.11 9.59 4.20
N GLU B 58 14.18 9.82 3.28
CA GLU B 58 12.76 9.77 3.56
C GLU B 58 12.24 8.40 3.14
N LEU B 59 11.82 7.59 4.11
CA LEU B 59 11.30 6.26 3.84
C LEU B 59 9.79 6.35 3.75
N ALA B 60 9.25 6.06 2.58
CA ALA B 60 7.83 5.77 2.46
C ALA B 60 7.59 4.33 2.89
N LEU B 61 6.66 4.16 3.81
CA LEU B 61 6.40 2.89 4.48
C LEU B 61 5.04 2.36 4.05
N TRP B 62 5.04 1.32 3.20
CA TRP B 62 3.81 0.75 2.67
C TRP B 62 3.43 -0.44 3.49
N ASP B 63 2.27 -0.36 4.11
CA ASP B 63 1.76 -1.36 5.04
C ASP B 63 0.76 -2.23 4.30
N THR B 64 0.84 -3.54 4.46
CA THR B 64 -0.05 -4.41 3.69
C THR B 64 -0.80 -5.40 4.58
N ALA B 65 -1.77 -6.02 3.95
CA ALA B 65 -2.61 -7.00 4.63
C ALA B 65 -1.92 -8.34 4.73
N GLY B 66 -1.81 -8.87 5.96
CA GLY B 66 -1.46 -10.27 6.18
C GLY B 66 -2.59 -11.25 5.92
N GLN B 67 -3.83 -10.80 5.97
CA GLN B 67 -4.94 -11.72 5.76
C GLN B 67 -5.03 -12.11 4.29
N GLU B 68 -5.13 -13.40 4.02
CA GLU B 68 -5.16 -13.85 2.63
C GLU B 68 -6.42 -13.40 1.94
N ASP B 69 -7.43 -12.96 2.70
CA ASP B 69 -8.64 -12.43 2.10
C ASP B 69 -8.34 -11.21 1.23
N TYR B 70 -7.20 -10.55 1.44
CA TYR B 70 -6.85 -9.33 0.73
C TYR B 70 -5.71 -9.56 -0.26
N ASP B 71 -5.41 -10.80 -0.60
CA ASP B 71 -4.27 -11.10 -1.47
C ASP B 71 -4.25 -10.22 -2.71
N ARG B 72 -5.42 -9.90 -3.28
CA ARG B 72 -5.48 -9.25 -4.60
C ARG B 72 -5.12 -7.78 -4.54
N LEU B 73 -5.11 -7.20 -3.34
CA LEU B 73 -4.72 -5.80 -3.16
C LEU B 73 -3.22 -5.66 -3.04
N ARG B 74 -2.54 -6.67 -2.55
CA ARG B 74 -1.11 -6.55 -2.29
C ARG B 74 -0.28 -6.24 -3.53
N PRO B 75 -0.59 -6.77 -4.71
CA PRO B 75 0.16 -6.36 -5.90
C PRO B 75 0.23 -4.85 -6.05
N LEU B 76 -0.76 -4.13 -5.52
CA LEU B 76 -0.82 -2.70 -5.67
C LEU B 76 0.23 -2.01 -4.83
N SER B 77 0.81 -2.67 -3.82
CA SER B 77 1.87 -2.00 -3.06
C SER B 77 3.31 -2.22 -3.62
N TYR B 78 3.51 -3.20 -4.48
CA TYR B 78 4.85 -3.61 -4.90
C TYR B 78 5.55 -2.71 -5.91
N PRO B 79 4.80 -1.91 -6.69
CA PRO B 79 5.40 -1.40 -7.94
C PRO B 79 6.75 -0.79 -7.81
N ASP B 80 7.07 0.08 -6.90
CA ASP B 80 8.42 0.67 -7.13
C ASP B 80 9.29 0.44 -5.93
N THR B 81 9.37 -0.76 -5.41
CA THR B 81 9.93 -0.97 -4.08
C THR B 81 11.46 -0.94 -4.10
N ASP B 82 12.05 -0.21 -3.14
CA ASP B 82 13.50 -0.24 -2.95
C ASP B 82 13.94 -1.29 -1.92
N VAL B 83 13.14 -1.61 -0.93
CA VAL B 83 13.51 -2.66 0.01
C VAL B 83 12.21 -3.29 0.55
N ILE B 84 12.27 -4.61 0.79
CA ILE B 84 11.21 -5.37 1.44
C ILE B 84 11.60 -5.73 2.87
N LEU B 85 10.70 -5.48 3.81
CA LEU B 85 10.76 -6.09 5.14
C LEU B 85 9.77 -7.26 5.14
N MET B 86 10.28 -8.48 5.17
CA MET B 86 9.50 -9.70 5.09
C MET B 86 9.46 -10.25 6.50
N CYS B 87 8.27 -10.28 7.09
CA CYS B 87 8.13 -10.43 8.54
C CYS B 87 7.50 -11.76 8.92
N PHE B 88 7.89 -12.26 10.08
CA PHE B 88 7.13 -13.29 10.78
C PHE B 88 7.21 -12.98 12.26
N SER B 89 6.53 -13.76 13.05
CA SER B 89 6.50 -13.50 14.46
C SER B 89 7.13 -14.65 15.23
N ILE B 90 7.88 -14.29 16.26
CA ILE B 90 8.66 -15.29 16.95
C ILE B 90 7.78 -16.19 17.83
N ASP B 91 6.58 -15.73 18.21
CA ASP B 91 5.62 -16.54 18.93
C ASP B 91 4.77 -17.42 18.01
N SER B 92 5.17 -17.54 16.75
CA SER B 92 4.38 -18.27 15.78
C SER B 92 5.30 -18.93 14.77
N PRO B 93 5.92 -20.05 15.16
CA PRO B 93 6.69 -20.83 14.17
C PRO B 93 5.89 -21.15 12.92
N ASP B 94 4.55 -21.11 13.00
CA ASP B 94 3.74 -21.13 11.78
C ASP B 94 4.10 -19.94 10.89
N SER B 95 4.09 -18.74 11.46
CA SER B 95 4.33 -17.57 10.63
C SER B 95 5.68 -17.67 9.95
N LEU B 96 6.61 -18.39 10.57
CA LEU B 96 7.91 -18.56 9.96
C LEU B 96 7.82 -19.50 8.78
N GLU B 97 7.07 -20.60 8.91
CA GLU B 97 7.05 -21.53 7.80
C GLU B 97 6.34 -20.96 6.59
N ASN B 98 5.52 -19.93 6.79
CA ASN B 98 4.90 -19.24 5.65
C ASN B 98 5.87 -18.34 4.90
N ILE B 99 7.07 -18.11 5.43
CA ILE B 99 8.02 -17.26 4.75
C ILE B 99 8.38 -17.87 3.41
N PRO B 100 8.75 -19.15 3.31
CA PRO B 100 9.11 -19.75 2.02
C PRO B 100 7.91 -20.15 1.20
N GLU B 101 6.85 -20.49 1.90
CA GLU B 101 5.65 -21.01 1.23
C GLU B 101 4.86 -19.91 0.55
N LYS B 102 4.71 -18.74 1.17
CA LYS B 102 3.84 -17.74 0.58
C LYS B 102 4.54 -16.42 0.27
N TRP B 103 5.29 -15.85 1.20
CA TRP B 103 5.79 -14.50 1.00
C TRP B 103 6.96 -14.46 0.02
N THR B 104 7.90 -15.36 0.15
CA THR B 104 9.07 -15.31 -0.72
C THR B 104 8.68 -15.51 -2.17
N PRO B 105 7.81 -16.46 -2.51
CA PRO B 105 7.39 -16.56 -3.92
C PRO B 105 6.64 -15.35 -4.47
N GLU B 106 5.80 -14.71 -3.67
CA GLU B 106 5.08 -13.54 -4.15
C GLU B 106 6.02 -12.33 -4.28
N VAL B 107 6.88 -12.12 -3.29
CA VAL B 107 7.80 -10.98 -3.34
C VAL B 107 8.78 -11.13 -4.52
N LYS B 108 9.27 -12.35 -4.76
CA LYS B 108 10.18 -12.58 -5.87
C LYS B 108 9.46 -12.41 -7.19
N HIS B 109 8.15 -12.67 -7.22
CA HIS B 109 7.44 -12.51 -8.49
C HIS B 109 7.33 -11.04 -8.85
N PHE B 110 6.92 -10.22 -7.90
CA PHE B 110 6.59 -8.82 -8.12
C PHE B 110 7.79 -7.91 -8.00
N CYS B 111 8.78 -8.28 -7.20
CA CYS B 111 9.89 -7.41 -6.86
C CYS B 111 11.20 -8.16 -7.04
N PRO B 112 11.43 -8.76 -8.21
CA PRO B 112 12.70 -9.44 -8.43
C PRO B 112 13.83 -8.45 -8.24
N ASN B 113 14.91 -8.94 -7.67
CA ASN B 113 16.11 -8.14 -7.43
C ASN B 113 15.91 -7.06 -6.38
N VAL B 114 14.76 -7.00 -5.72
CA VAL B 114 14.61 -6.07 -4.59
C VAL B 114 15.15 -6.72 -3.31
N PRO B 115 16.02 -6.06 -2.59
CA PRO B 115 16.61 -6.68 -1.41
C PRO B 115 15.55 -6.93 -0.33
N ILE B 116 15.79 -7.98 0.45
CA ILE B 116 14.84 -8.41 1.47
C ILE B 116 15.55 -8.45 2.81
N ILE B 117 14.92 -7.86 3.82
CA ILE B 117 15.32 -8.04 5.20
C ILE B 117 14.31 -9.00 5.81
N LEU B 118 14.78 -10.12 6.33
CA LEU B 118 13.92 -11.08 7.02
C LEU B 118 13.83 -10.62 8.46
N VAL B 119 12.63 -10.30 8.94
CA VAL B 119 12.50 -9.68 10.24
C VAL B 119 11.66 -10.56 11.16
N GLY B 120 12.27 -11.02 12.27
CA GLY B 120 11.49 -11.70 13.30
C GLY B 120 10.94 -10.69 14.28
N ASN B 121 9.62 -10.55 14.40
CA ASN B 121 9.04 -9.59 15.34
C ASN B 121 8.67 -10.27 16.65
N LYS B 122 8.28 -9.45 17.62
CA LYS B 122 7.86 -9.93 18.93
C LYS B 122 8.98 -10.68 19.64
N LYS B 123 10.21 -10.20 19.50
CA LYS B 123 11.36 -10.86 20.13
C LYS B 123 11.21 -10.95 21.64
N ASP B 124 10.34 -10.15 22.23
CA ASP B 124 10.17 -10.21 23.67
C ASP B 124 9.49 -11.49 24.10
N LEU B 125 8.49 -11.96 23.34
CA LEU B 125 7.69 -13.08 23.80
C LEU B 125 8.40 -14.40 23.74
N ARG B 126 9.68 -14.37 23.36
CA ARG B 126 10.47 -15.58 23.34
C ARG B 126 10.45 -16.26 24.70
N ASN B 127 10.34 -15.45 25.76
CA ASN B 127 10.49 -15.90 27.15
C ASN B 127 9.23 -15.60 27.96
N ASP B 128 8.11 -15.34 27.31
CA ASP B 128 6.85 -15.19 28.02
C ASP B 128 6.18 -16.56 28.15
N GLU B 129 5.81 -16.92 29.39
CA GLU B 129 5.25 -18.25 29.64
C GLU B 129 3.91 -18.44 28.94
N HIS B 130 3.02 -17.45 29.01
CA HIS B 130 1.74 -17.55 28.33
C HIS B 130 1.92 -18.13 26.92
N THR B 131 2.65 -17.42 26.07
CA THR B 131 3.02 -17.94 24.75
C THR B 131 3.75 -19.27 24.87
N ARG B 132 4.90 -19.28 25.57
CA ARG B 132 5.78 -20.44 25.54
C ARG B 132 5.10 -21.71 26.06
N ARG B 133 3.97 -21.58 26.77
CA ARG B 133 3.21 -22.72 27.26
C ARG B 133 2.17 -23.19 26.24
N GLU B 134 1.41 -22.26 25.69
CA GLU B 134 0.53 -22.60 24.57
C GLU B 134 1.34 -23.27 23.47
N LEU B 135 2.57 -22.81 23.25
CA LEU B 135 3.38 -23.40 22.19
C LEU B 135 3.70 -24.84 22.54
N ALA B 136 4.13 -25.07 23.79
CA ALA B 136 4.30 -26.42 24.30
C ALA B 136 3.03 -27.25 24.20
N LYS B 137 1.87 -26.62 24.31
CA LYS B 137 0.59 -27.30 24.15
C LYS B 137 0.43 -27.96 22.77
N MET B 138 1.34 -27.73 21.81
CA MET B 138 1.20 -28.25 20.45
C MET B 138 2.55 -28.68 19.87
N LYS B 139 3.43 -29.17 20.76
CA LYS B 139 4.80 -29.57 20.41
C LYS B 139 5.61 -28.43 19.78
N GLN B 140 5.33 -27.19 20.16
CA GLN B 140 6.00 -26.03 19.59
C GLN B 140 6.76 -25.24 20.64
N GLU B 141 7.51 -24.25 20.15
CA GLU B 141 8.26 -23.33 21.00
C GLU B 141 8.66 -22.13 20.17
N PRO B 142 8.84 -20.97 20.79
CA PRO B 142 9.18 -19.78 20.01
C PRO B 142 10.32 -20.02 19.02
N VAL B 143 10.36 -19.21 17.97
CA VAL B 143 11.37 -19.34 16.94
C VAL B 143 12.74 -18.96 17.51
N LYS B 144 13.77 -19.63 17.02
CA LYS B 144 15.12 -19.43 17.53
C LYS B 144 16.05 -18.79 16.50
N PRO B 145 16.99 -17.94 16.93
CA PRO B 145 17.84 -17.20 15.97
C PRO B 145 18.52 -18.04 14.89
N GLU B 146 19.02 -19.22 15.24
CA GLU B 146 19.53 -20.11 14.21
C GLU B 146 18.46 -20.39 13.18
N GLU B 147 17.20 -20.52 13.61
CA GLU B 147 16.12 -20.83 12.66
C GLU B 147 15.84 -19.66 11.76
N GLY B 148 15.53 -18.51 12.38
CA GLY B 148 15.36 -17.29 11.63
C GLY B 148 16.50 -17.08 10.66
N ARG B 149 17.74 -17.24 11.15
CA ARG B 149 18.88 -17.02 10.29
C ARG B 149 18.96 -18.06 9.20
N ASP B 150 18.71 -19.32 9.52
CA ASP B 150 18.69 -20.29 8.44
C ASP B 150 17.61 -19.93 7.41
N MET B 151 16.44 -19.48 7.86
CA MET B 151 15.42 -19.15 6.87
C MET B 151 15.92 -18.00 6.00
N ALA B 152 16.70 -17.08 6.59
CA ALA B 152 17.16 -15.93 5.82
C ALA B 152 18.15 -16.36 4.76
N ASN B 153 19.08 -17.25 5.09
CA ASN B 153 19.98 -17.78 4.09
C ASN B 153 19.23 -18.52 3.02
N ARG B 154 18.25 -19.34 3.42
CA ARG B 154 17.44 -20.09 2.47
C ARG B 154 16.81 -19.18 1.41
N ILE B 155 16.16 -18.09 1.80
CA ILE B 155 15.46 -17.25 0.83
C ILE B 155 16.36 -16.22 0.14
N GLY B 156 17.62 -16.14 0.50
CA GLY B 156 18.50 -15.20 -0.14
C GLY B 156 18.40 -13.80 0.42
N ALA B 157 18.04 -13.64 1.67
CA ALA B 157 17.81 -12.29 2.14
C ALA B 157 19.12 -11.53 2.25
N PHE B 158 19.01 -10.22 2.09
CA PHE B 158 20.09 -9.29 2.33
C PHE B 158 20.53 -9.36 3.77
N GLY B 159 19.60 -9.58 4.67
CA GLY B 159 20.02 -9.64 6.06
C GLY B 159 18.90 -10.20 6.91
N TYR B 160 19.27 -10.47 8.16
CA TYR B 160 18.36 -11.01 9.16
C TYR B 160 18.37 -10.13 10.39
N MET B 161 17.19 -9.79 10.88
CA MET B 161 17.08 -8.85 12.00
C MET B 161 15.91 -9.29 12.89
N GLU B 162 16.01 -9.04 14.20
CA GLU B 162 14.97 -9.41 15.18
C GLU B 162 14.66 -8.20 16.05
N CYS B 163 13.41 -8.07 16.47
CA CYS B 163 13.02 -6.88 17.22
C CYS B 163 11.70 -7.08 17.94
N SER B 164 11.40 -6.16 18.85
CA SER B 164 10.13 -6.07 19.55
C SER B 164 9.61 -4.64 19.48
N ALA B 165 8.49 -4.45 18.78
CA ALA B 165 7.79 -3.16 18.80
C ALA B 165 7.56 -2.68 20.24
N LYS B 166 7.19 -3.60 21.15
CA LYS B 166 6.90 -3.19 22.52
C LYS B 166 8.18 -2.89 23.31
N THR B 167 9.07 -3.88 23.42
CA THR B 167 10.39 -3.61 23.97
C THR B 167 11.04 -2.44 23.27
N LYS B 168 10.72 -2.25 21.98
CA LYS B 168 11.34 -1.29 21.09
C LYS B 168 12.78 -1.67 20.77
N ASP B 169 13.29 -2.77 21.32
CA ASP B 169 14.66 -3.18 21.10
C ASP B 169 14.85 -3.65 19.66
N GLY B 170 15.88 -3.10 19.00
CA GLY B 170 16.19 -3.51 17.64
C GLY B 170 15.37 -2.87 16.54
N VAL B 171 14.26 -2.20 16.89
CA VAL B 171 13.41 -1.55 15.88
C VAL B 171 14.25 -0.66 15.00
N ARG B 172 14.95 0.29 15.63
CA ARG B 172 15.81 1.21 14.90
C ARG B 172 16.76 0.45 13.99
N GLU B 173 17.34 -0.63 14.49
CA GLU B 173 18.27 -1.41 13.70
C GLU B 173 17.62 -2.05 12.47
N VAL B 174 16.35 -2.45 12.55
CA VAL B 174 15.63 -2.97 11.36
C VAL B 174 15.68 -1.97 10.22
N PHE B 175 15.36 -0.69 10.52
CA PHE B 175 15.23 0.30 9.46
C PHE B 175 16.57 0.87 9.02
N GLU B 176 17.57 0.92 9.90
CA GLU B 176 18.89 1.24 9.40
C GLU B 176 19.31 0.21 8.34
N MET B 177 19.19 -1.08 8.66
CA MET B 177 19.59 -2.08 7.69
C MET B 177 18.76 -1.98 6.43
N ALA B 178 17.46 -1.75 6.56
CA ALA B 178 16.67 -1.69 5.34
C ALA B 178 17.10 -0.52 4.46
N THR B 179 17.38 0.63 5.08
CA THR B 179 17.81 1.81 4.33
C THR B 179 19.16 1.55 3.68
N ARG B 180 20.10 0.92 4.39
CA ARG B 180 21.36 0.54 3.74
C ARG B 180 21.11 -0.32 2.51
N ALA B 181 20.16 -1.24 2.60
CA ALA B 181 19.83 -2.05 1.42
C ALA B 181 19.15 -1.22 0.33
N ALA B 182 18.21 -0.36 0.70
CA ALA B 182 17.59 0.53 -0.29
C ALA B 182 18.63 1.34 -1.05
N LEU B 183 19.60 1.91 -0.33
CA LEU B 183 20.63 2.73 -0.95
C LEU B 183 21.60 1.91 -1.79
N GLN B 184 21.68 0.62 -1.53
CA GLN B 184 22.57 -0.27 -2.26
C GLN B 184 22.19 -0.20 -3.73
N ALA B 185 23.18 -0.12 -4.59
CA ALA B 185 22.91 0.03 -6.01
C ALA B 185 21.82 -0.99 -6.42
#